data_3Q47
#
_entry.id   3Q47
#
_cell.length_a   46.010
_cell.length_b   77.411
_cell.length_c   36.113
_cell.angle_alpha   90.00
_cell.angle_beta   90.00
_cell.angle_gamma   90.00
#
_symmetry.space_group_name_H-M   'P 21 21 2'
#
loop_
_entity.id
_entity.type
_entity.pdbx_description
1 polymer 'STIP1 homology and U box-containing protein 1'
2 polymer 'Smad1 peptide'
3 water water
#
loop_
_entity_poly.entity_id
_entity_poly.type
_entity_poly.pdbx_seq_one_letter_code
_entity_poly.pdbx_strand_id
1 'polypeptide(L)'
;GPHMKSPSAQELKEQGNRLFVGRKYPEAAACYGRAITRNPLVAVYYTNRALCYLKMQQPEQALADCRRALELDGQSVKAH
FFLGQCQLEMESYDEAIANLQRAYSLAKEQRLNFGDDIPSALRIAKKKRWNSIEERR
;
B
2 'polypeptide(L)' SPHNPISDVD C
#
# COMPACT_ATOMS: atom_id res chain seq x y z
N SER A 6 -13.23 -25.74 -1.43
CA SER A 6 -13.74 -24.44 -1.89
C SER A 6 -13.78 -23.41 -0.76
N PRO A 7 -12.70 -22.64 -0.59
CA PRO A 7 -12.64 -21.65 0.49
C PRO A 7 -13.45 -20.40 0.17
N SER A 8 -13.91 -19.68 1.19
CA SER A 8 -14.59 -18.40 1.00
C SER A 8 -13.59 -17.27 0.77
N ALA A 9 -14.08 -16.11 0.32
CA ALA A 9 -13.20 -14.96 0.14
C ALA A 9 -12.47 -14.60 1.44
N GLN A 10 -13.22 -14.65 2.54
CA GLN A 10 -12.64 -14.37 3.84
C GLN A 10 -11.51 -15.36 4.16
N GLU A 11 -11.72 -16.64 3.87
CA GLU A 11 -10.69 -17.64 4.16
C GLU A 11 -9.44 -17.39 3.34
N LEU A 12 -9.64 -16.99 2.08
CA LEU A 12 -8.53 -16.69 1.19
C LEU A 12 -7.76 -15.47 1.68
N LYS A 13 -8.49 -14.46 2.16
CA LYS A 13 -7.79 -13.31 2.67
C LYS A 13 -6.97 -13.71 3.89
N GLU A 14 -7.56 -14.51 4.76
CA GLU A 14 -6.84 -14.95 5.95
C GLU A 14 -5.65 -15.83 5.59
N GLN A 15 -5.79 -16.66 4.56
CA GLN A 15 -4.63 -17.48 4.11
C GLN A 15 -3.52 -16.59 3.55
N GLY A 16 -3.90 -15.58 2.78
CA GLY A 16 -2.91 -14.67 2.23
C GLY A 16 -2.17 -13.98 3.36
N ASN A 17 -2.93 -13.59 4.39
CA ASN A 17 -2.32 -12.91 5.54
C ASN A 17 -1.29 -13.80 6.24
N ARG A 18 -1.60 -15.09 6.37
CA ARG A 18 -0.63 -16.04 6.93
C ARG A 18 0.63 -16.13 6.06
N LEU A 19 0.44 -16.28 4.75
CA LEU A 19 1.57 -16.34 3.81
C LEU A 19 2.40 -15.07 3.88
N PHE A 20 1.76 -13.94 4.17
CA PHE A 20 2.46 -12.67 4.30
C PHE A 20 3.36 -12.70 5.54
N VAL A 21 2.79 -13.14 6.65
CA VAL A 21 3.57 -13.32 7.87
C VAL A 21 4.77 -14.24 7.58
N GLY A 22 4.55 -15.23 6.72
CA GLY A 22 5.58 -16.19 6.38
C GLY A 22 6.59 -15.69 5.35
N ARG A 23 6.44 -14.42 4.97
CA ARG A 23 7.28 -13.82 3.95
C ARG A 23 7.24 -14.57 2.62
N LYS A 24 6.07 -15.13 2.31
CA LYS A 24 5.85 -15.81 1.03
C LYS A 24 5.00 -14.88 0.18
N TYR A 25 5.61 -13.85 -0.39
CA TYR A 25 4.87 -12.73 -0.97
C TYR A 25 4.16 -13.05 -2.30
N PRO A 26 4.84 -13.76 -3.21
CA PRO A 26 4.11 -14.15 -4.43
C PRO A 26 2.92 -15.06 -4.14
N GLU A 27 3.08 -15.98 -3.18
CA GLU A 27 2.02 -16.88 -2.75
C GLU A 27 0.88 -16.10 -2.08
N ALA A 28 1.24 -15.17 -1.21
CA ALA A 28 0.23 -14.31 -0.57
C ALA A 28 -0.55 -13.53 -1.63
N ALA A 29 0.17 -12.92 -2.57
CA ALA A 29 -0.47 -12.09 -3.57
C ALA A 29 -1.46 -12.92 -4.39
N ALA A 30 -1.08 -14.16 -4.70
CA ALA A 30 -1.98 -15.04 -5.45
C ALA A 30 -3.25 -15.36 -4.64
N CYS A 31 -3.10 -15.53 -3.33
CA CYS A 31 -4.27 -15.76 -2.49
C CYS A 31 -5.21 -14.56 -2.49
N TYR A 32 -4.64 -13.37 -2.43
CA TYR A 32 -5.49 -12.16 -2.46
C TYR A 32 -6.18 -12.07 -3.82
N GLY A 33 -5.50 -12.53 -4.87
CA GLY A 33 -6.12 -12.60 -6.18
C GLY A 33 -7.35 -13.50 -6.18
N ARG A 34 -7.26 -14.64 -5.49
CA ARG A 34 -8.39 -15.57 -5.39
C ARG A 34 -9.53 -14.92 -4.59
N ALA A 35 -9.16 -14.18 -3.55
CA ALA A 35 -10.14 -13.44 -2.76
C ALA A 35 -10.87 -12.42 -3.65
N ILE A 36 -10.10 -11.72 -4.48
CA ILE A 36 -10.66 -10.73 -5.39
C ILE A 36 -11.62 -11.41 -6.37
N THR A 37 -11.25 -12.60 -6.87
CA THR A 37 -12.15 -13.33 -7.75
C THR A 37 -13.51 -13.59 -7.10
N ARG A 38 -13.48 -13.98 -5.84
CA ARG A 38 -14.71 -14.29 -5.11
C ARG A 38 -15.53 -13.05 -4.79
N ASN A 39 -14.87 -11.94 -4.49
CA ASN A 39 -15.57 -10.68 -4.21
C ASN A 39 -14.64 -9.53 -4.57
N PRO A 40 -14.80 -8.97 -5.77
CA PRO A 40 -13.85 -7.95 -6.27
C PRO A 40 -14.16 -6.55 -5.78
N LEU A 41 -15.09 -6.44 -4.83
CA LEU A 41 -15.57 -5.14 -4.37
C LEU A 41 -15.00 -4.75 -3.01
N VAL A 42 -13.97 -5.48 -2.55
CA VAL A 42 -13.40 -5.24 -1.23
C VAL A 42 -12.01 -4.58 -1.33
N ALA A 43 -11.93 -3.31 -0.93
CA ALA A 43 -10.71 -2.53 -1.14
C ALA A 43 -9.49 -3.16 -0.45
N VAL A 44 -9.70 -3.74 0.72
CA VAL A 44 -8.60 -4.33 1.48
C VAL A 44 -7.88 -5.46 0.74
N TYR A 45 -8.57 -6.20 -0.12
CA TYR A 45 -7.86 -7.27 -0.84
C TYR A 45 -6.82 -6.67 -1.75
N TYR A 46 -7.16 -5.54 -2.36
CA TYR A 46 -6.25 -4.84 -3.25
C TYR A 46 -5.09 -4.17 -2.53
N THR A 47 -5.37 -3.49 -1.41
CA THR A 47 -4.24 -2.88 -0.67
C THR A 47 -3.32 -3.95 -0.07
N ASN A 48 -3.87 -5.05 0.41
CA ASN A 48 -3.05 -6.15 0.85
C ASN A 48 -2.17 -6.65 -0.30
N ARG A 49 -2.75 -6.83 -1.49
CA ARG A 49 -1.95 -7.36 -2.60
C ARG A 49 -0.91 -6.33 -3.07
N ALA A 50 -1.26 -5.06 -3.01
CA ALA A 50 -0.28 -4.01 -3.30
C ALA A 50 0.95 -4.10 -2.40
N LEU A 51 0.75 -4.34 -1.10
CA LEU A 51 1.89 -4.46 -0.20
C LEU A 51 2.76 -5.65 -0.60
N CYS A 52 2.12 -6.74 -1.02
CA CYS A 52 2.89 -7.89 -1.50
C CYS A 52 3.71 -7.49 -2.71
N TYR A 53 3.07 -6.80 -3.66
CA TYR A 53 3.77 -6.38 -4.87
C TYR A 53 4.94 -5.43 -4.57
N LEU A 54 4.77 -4.56 -3.58
CA LEU A 54 5.89 -3.73 -3.13
C LEU A 54 7.06 -4.60 -2.62
N LYS A 55 6.74 -5.61 -1.82
CA LYS A 55 7.78 -6.51 -1.31
C LYS A 55 8.47 -7.28 -2.44
N MET A 56 7.74 -7.51 -3.53
CA MET A 56 8.25 -8.23 -4.70
C MET A 56 8.93 -7.30 -5.70
N GLN A 57 9.13 -6.05 -5.30
CA GLN A 57 9.74 -5.03 -6.16
C GLN A 57 8.99 -4.83 -7.48
N GLN A 58 7.66 -4.84 -7.39
CA GLN A 58 6.82 -4.61 -8.56
C GLN A 58 5.90 -3.43 -8.26
N PRO A 59 6.47 -2.22 -8.14
CA PRO A 59 5.64 -1.06 -7.79
C PRO A 59 4.56 -0.72 -8.82
N GLU A 60 4.77 -1.04 -10.09
CA GLU A 60 3.75 -0.78 -11.11
C GLU A 60 2.51 -1.62 -10.87
N GLN A 61 2.72 -2.90 -10.55
CA GLN A 61 1.62 -3.78 -10.19
C GLN A 61 0.95 -3.32 -8.90
N ALA A 62 1.75 -2.89 -7.94
CA ALA A 62 1.19 -2.37 -6.69
C ALA A 62 0.37 -1.11 -6.94
N LEU A 63 0.88 -0.23 -7.80
CA LEU A 63 0.17 1.02 -8.09
C LEU A 63 -1.21 0.74 -8.69
N ALA A 64 -1.29 -0.18 -9.64
CA ALA A 64 -2.60 -0.50 -10.22
C ALA A 64 -3.57 -1.01 -9.17
N ASP A 65 -3.11 -1.86 -8.24
CA ASP A 65 -3.98 -2.26 -7.13
C ASP A 65 -4.41 -1.11 -6.23
N CYS A 66 -3.48 -0.20 -5.95
CA CYS A 66 -3.87 0.96 -5.15
C CYS A 66 -4.96 1.73 -5.85
N ARG A 67 -4.88 1.84 -7.17
CA ARG A 67 -5.91 2.57 -7.94
C ARG A 67 -7.24 1.83 -7.82
N ARG A 68 -7.22 0.51 -7.94
CA ARG A 68 -8.45 -0.26 -7.78
C ARG A 68 -9.05 -0.08 -6.41
N ALA A 69 -8.22 -0.07 -5.38
CA ALA A 69 -8.72 0.17 -4.02
C ALA A 69 -9.36 1.54 -3.88
N LEU A 70 -8.74 2.56 -4.46
CA LEU A 70 -9.24 3.92 -4.32
C LEU A 70 -10.57 4.14 -5.04
N GLU A 71 -10.81 3.38 -6.11
CA GLU A 71 -12.13 3.44 -6.79
C GLU A 71 -13.22 2.90 -5.88
N LEU A 72 -12.88 1.90 -5.06
CA LEU A 72 -13.83 1.32 -4.12
C LEU A 72 -13.97 2.08 -2.80
N ASP A 73 -12.84 2.59 -2.30
CA ASP A 73 -12.83 3.32 -1.04
C ASP A 73 -11.91 4.55 -1.17
N GLY A 74 -12.49 5.70 -1.50
CA GLY A 74 -11.70 6.91 -1.71
C GLY A 74 -11.03 7.44 -0.46
N GLN A 75 -11.43 6.93 0.71
CA GLN A 75 -10.90 7.41 1.98
C GLN A 75 -9.84 6.49 2.56
N SER A 76 -9.47 5.46 1.81
CA SER A 76 -8.50 4.48 2.31
C SER A 76 -7.12 5.07 2.63
N VAL A 77 -6.77 5.08 3.91
CA VAL A 77 -5.44 5.55 4.34
C VAL A 77 -4.36 4.69 3.71
N LYS A 78 -4.51 3.37 3.81
CA LYS A 78 -3.45 2.51 3.31
C LYS A 78 -3.29 2.58 1.79
N ALA A 79 -4.39 2.76 1.07
CA ALA A 79 -4.26 2.87 -0.38
C ALA A 79 -3.44 4.10 -0.77
N HIS A 80 -3.66 5.22 -0.08
CA HIS A 80 -2.87 6.41 -0.33
C HIS A 80 -1.41 6.23 0.09
N PHE A 81 -1.19 5.61 1.23
CA PHE A 81 0.17 5.36 1.74
C PHE A 81 0.96 4.45 0.79
N PHE A 82 0.39 3.30 0.45
CA PHE A 82 1.05 2.38 -0.50
C PHE A 82 1.22 3.04 -1.88
N LEU A 83 0.24 3.82 -2.34
CA LEU A 83 0.42 4.51 -3.61
C LEU A 83 1.65 5.45 -3.55
N GLY A 84 1.75 6.18 -2.45
CA GLY A 84 2.90 7.05 -2.21
C GLY A 84 4.20 6.27 -2.29
N GLN A 85 4.22 5.08 -1.70
CA GLN A 85 5.40 4.23 -1.71
C GLN A 85 5.74 3.78 -3.13
N CYS A 86 4.72 3.45 -3.93
CA CYS A 86 4.93 3.09 -5.33
C CYS A 86 5.55 4.24 -6.10
N GLN A 87 4.99 5.44 -5.96
CA GLN A 87 5.48 6.61 -6.66
C GLN A 87 6.92 6.96 -6.26
N LEU A 88 7.25 6.74 -5.01
CA LEU A 88 8.60 6.95 -4.53
C LEU A 88 9.53 6.05 -5.27
N GLU A 89 9.15 4.80 -5.39
CA GLU A 89 9.99 3.82 -6.08
C GLU A 89 10.14 4.13 -7.56
N MET A 90 9.14 4.74 -8.12
CA MET A 90 9.13 5.10 -9.54
C MET A 90 9.63 6.54 -9.77
N GLU A 91 10.16 7.15 -8.72
CA GLU A 91 10.77 8.48 -8.81
C GLU A 91 9.79 9.59 -9.20
N SER A 92 8.52 9.37 -8.89
CA SER A 92 7.53 10.44 -8.98
C SER A 92 7.43 11.07 -7.60
N TYR A 93 8.44 11.85 -7.22
CA TYR A 93 8.52 12.36 -5.84
C TYR A 93 7.41 13.32 -5.39
N ASP A 94 7.03 14.27 -6.24
CA ASP A 94 6.01 15.23 -5.87
C ASP A 94 4.66 14.55 -5.60
N GLU A 95 4.30 13.59 -6.47
CA GLU A 95 3.07 12.83 -6.27
C GLU A 95 3.18 11.94 -5.03
N ALA A 96 4.36 11.36 -4.81
CA ALA A 96 4.55 10.50 -3.64
C ALA A 96 4.32 11.26 -2.34
N ILE A 97 4.89 12.45 -2.24
CA ILE A 97 4.79 13.26 -1.06
C ILE A 97 3.32 13.66 -0.85
N ALA A 98 2.63 14.00 -1.95
CA ALA A 98 1.22 14.38 -1.84
C ALA A 98 0.39 13.21 -1.33
N ASN A 99 0.64 12.02 -1.85
CA ASN A 99 -0.09 10.86 -1.36
C ASN A 99 0.20 10.54 0.10
N LEU A 100 1.46 10.66 0.52
CA LEU A 100 1.78 10.40 1.92
C LEU A 100 1.16 11.44 2.85
N GLN A 101 1.16 12.70 2.42
CA GLN A 101 0.53 13.77 3.18
C GLN A 101 -0.97 13.52 3.26
N ARG A 102 -1.56 13.01 2.18
CA ARG A 102 -2.98 12.70 2.17
C ARG A 102 -3.26 11.54 3.14
N ALA A 103 -2.39 10.52 3.14
CA ALA A 103 -2.54 9.43 4.09
C ALA A 103 -2.51 9.99 5.52
N TYR A 104 -1.56 10.90 5.79
CA TYR A 104 -1.48 11.55 7.10
C TYR A 104 -2.78 12.27 7.48
N SER A 105 -3.30 13.07 6.56
CA SER A 105 -4.53 13.82 6.80
C SER A 105 -5.71 12.90 7.04
N LEU A 106 -5.82 11.86 6.22
CA LEU A 106 -6.94 10.92 6.35
C LEU A 106 -6.86 10.14 7.66
N ALA A 107 -5.65 9.69 8.03
CA ALA A 107 -5.47 8.98 9.29
C ALA A 107 -5.88 9.84 10.49
N LYS A 108 -5.62 11.15 10.38
CA LYS A 108 -6.02 12.11 11.41
C LYS A 108 -7.53 12.32 11.42
N GLU A 109 -8.13 12.53 10.27
CA GLU A 109 -9.55 12.71 10.13
C GLU A 109 -10.30 11.49 10.64
N GLN A 110 -9.72 10.31 10.47
CA GLN A 110 -10.32 9.04 10.85
C GLN A 110 -9.95 8.67 12.25
N ARG A 111 -9.18 9.52 12.88
CA ARG A 111 -8.71 9.30 14.22
C ARG A 111 -8.09 7.94 14.33
N LEU A 112 -7.22 7.60 13.38
CA LEU A 112 -6.40 6.40 13.45
C LEU A 112 -5.04 6.71 13.96
N ASN A 113 -4.37 5.74 14.52
CA ASN A 113 -3.08 5.97 15.12
C ASN A 113 -2.08 4.98 14.61
N PHE A 114 -1.11 5.42 13.81
CA PHE A 114 -0.06 4.57 13.28
C PHE A 114 1.27 5.01 13.82
N GLY A 115 1.23 5.65 14.99
CA GLY A 115 2.46 6.11 15.60
C GLY A 115 3.16 7.08 14.67
N ASP A 116 4.46 6.93 14.51
CA ASP A 116 5.24 7.84 13.67
C ASP A 116 5.49 7.30 12.27
N ASP A 117 4.76 6.26 11.88
CA ASP A 117 4.99 5.61 10.59
C ASP A 117 4.83 6.55 9.40
N ILE A 118 3.74 7.31 9.38
CA ILE A 118 3.51 8.19 8.24
C ILE A 118 4.47 9.39 8.18
N PRO A 119 4.64 10.12 9.32
CA PRO A 119 5.64 11.18 9.28
C PRO A 119 7.04 10.65 8.93
N SER A 120 7.39 9.46 9.39
CA SER A 120 8.70 8.89 9.01
C SER A 120 8.78 8.63 7.52
N ALA A 121 7.70 8.13 6.93
CA ALA A 121 7.67 7.89 5.48
C ALA A 121 7.75 9.20 4.70
N LEU A 122 7.07 10.24 5.19
CA LEU A 122 7.15 11.58 4.57
C LEU A 122 8.58 12.11 4.57
N ARG A 123 9.26 11.94 5.70
CA ARG A 123 10.64 12.40 5.82
C ARG A 123 11.51 11.68 4.82
N ILE A 124 11.35 10.36 4.74
CA ILE A 124 12.10 9.59 3.77
C ILE A 124 11.84 10.08 2.35
N ALA A 125 10.57 10.34 2.02
CA ALA A 125 10.19 10.84 0.69
C ALA A 125 10.76 12.21 0.35
N LYS A 126 10.73 13.13 1.32
CA LYS A 126 11.27 14.46 1.07
C LYS A 126 12.79 14.42 0.91
N LYS A 127 13.44 13.59 1.70
CA LYS A 127 14.89 13.41 1.59
C LYS A 127 15.23 12.83 0.25
N LYS A 128 14.52 11.79 -0.14
CA LYS A 128 14.77 11.17 -1.41
C LYS A 128 14.58 12.19 -2.53
N ARG A 129 13.55 13.00 -2.44
CA ARG A 129 13.34 14.07 -3.41
C ARG A 129 14.49 15.05 -3.48
N TRP A 130 14.98 15.48 -2.32
CA TRP A 130 16.08 16.43 -2.28
C TRP A 130 17.36 15.78 -2.82
N ASN A 131 17.58 14.51 -2.46
CA ASN A 131 18.77 13.83 -2.94
C ASN A 131 18.75 13.70 -4.46
N SER A 132 17.55 13.56 -5.04
CA SER A 132 17.43 13.47 -6.50
C SER A 132 17.81 14.78 -7.19
N ILE A 133 17.53 15.89 -6.51
CA ILE A 133 17.91 17.20 -7.01
C ILE A 133 19.44 17.37 -6.92
N GLU A 134 20.05 16.91 -5.83
CA GLU A 134 21.50 16.98 -5.68
C GLU A 134 22.22 16.09 -6.69
N GLU A 135 21.60 14.95 -6.99
CA GLU A 135 22.17 14.00 -7.93
C GLU A 135 22.20 14.53 -9.37
N ARG A 136 21.59 15.70 -9.59
CA ARG A 136 21.46 16.24 -10.93
C ARG A 136 22.18 17.56 -11.13
N ARG A 137 23.01 17.94 -10.16
CA ARG A 137 23.77 19.18 -10.23
C ARG A 137 25.09 19.00 -9.50
N ASN B 4 -1.32 0.89 15.75
CA ASN B 4 -1.12 -0.11 14.73
C ASN B 4 -0.02 0.30 13.73
N PRO B 5 0.79 -0.63 13.22
CA PRO B 5 1.78 -0.32 12.18
C PRO B 5 1.11 -0.14 10.79
N ILE B 6 1.64 0.71 9.95
CA ILE B 6 0.94 0.97 8.72
C ILE B 6 1.29 0.01 7.59
N SER B 7 2.53 -0.38 7.52
CA SER B 7 2.94 -1.30 6.46
C SER B 7 2.72 -2.74 6.89
N ASP B 8 1.47 -3.12 6.82
CA ASP B 8 1.01 -4.40 7.22
C ASP B 8 -0.33 -4.62 6.53
N VAL B 9 -0.66 -5.88 6.46
CA VAL B 9 -1.85 -6.34 5.82
C VAL B 9 -3.06 -6.27 6.78
N ASP B 10 -4.24 -6.09 6.24
CA ASP B 10 -5.46 -6.02 6.98
C ASP B 10 -6.25 -7.32 6.87
#